data_5UUS
#
_entry.id   5UUS
#
_cell.length_a   69.990
_cell.length_b   69.990
_cell.length_c   237.292
_cell.angle_alpha   90.000
_cell.angle_beta   90.000
_cell.angle_gamma   120.000
#
_symmetry.space_group_name_H-M   'P 32 2 1'
#
loop_
_entity.id
_entity.type
_entity.pdbx_description
1 polymer 'Possible sortase-like protein'
2 non-polymer (4S)-2-METHYL-2,4-PENTANEDIOL
3 non-polymer 'CHLORIDE ION'
4 non-polymer 'ACETATE ION'
5 non-polymer 1,2-ETHANEDIOL
6 non-polymer 'FORMIC ACID'
7 water water
#
_entity_poly.entity_id   1
_entity_poly.type   'polypeptide(L)'
_entity_poly.pdbx_seq_one_letter_code
;SNATNIEAGKAQAAVSDKMDDQWKERVNPRKKLTPELGEAFARMYIPQFGSDFQFAIVEGTTDADLEAGPGHYNDTQLPG
ERGNFAVAGHRVGKGAPFNDLGNLNVCDAIVVETRTSWSVYRVMPVDSSGQQRYDEAMGCFTPEQAERITHGDYEHVNGR
FITTPGDVSTISALPETDVIEADPGMEGIMTMTT(CSO)HPQFSNAERMIVHAMLTEHFPKNGDNKPAALEEG
;
_entity_poly.pdbx_strand_id   A,B
#
# COMPACT_ATOMS: atom_id res chain seq x y z
N GLN A 22 -4.04 33.07 -13.75
CA GLN A 22 -4.33 32.19 -12.62
C GLN A 22 -3.03 31.59 -12.10
N TRP A 23 -3.10 30.99 -10.91
CA TRP A 23 -1.90 30.46 -10.28
C TRP A 23 -2.11 29.01 -9.84
N LYS A 24 -1.02 28.33 -9.50
CA LYS A 24 -1.06 26.93 -9.15
C LYS A 24 -0.25 26.65 -7.87
N GLU A 25 -0.68 25.66 -7.11
CA GLU A 25 0.13 25.16 -6.01
C GLU A 25 1.40 24.54 -6.59
N ARG A 26 2.51 24.70 -5.89
CA ARG A 26 3.74 24.02 -6.22
C ARG A 26 3.88 22.82 -5.30
N VAL A 27 3.89 21.64 -5.90
CA VAL A 27 3.90 20.39 -5.15
C VAL A 27 5.33 19.92 -4.88
N ASN A 28 5.56 19.29 -3.74
CA ASN A 28 6.88 18.85 -3.29
C ASN A 28 6.65 17.71 -2.32
N PRO A 29 7.64 16.84 -2.18
CA PRO A 29 7.56 15.87 -1.07
C PRO A 29 7.50 16.61 0.27
N ARG A 30 6.38 16.47 1.00
CA ARG A 30 6.12 17.20 2.25
C ARG A 30 5.39 16.28 3.21
N LYS A 31 5.54 16.48 4.51
CA LYS A 31 4.80 15.64 5.44
C LYS A 31 4.52 16.40 6.71
N LYS A 32 3.53 15.97 7.47
CA LYS A 32 3.31 16.58 8.80
C LYS A 32 4.44 16.19 9.74
N LEU A 33 4.77 17.06 10.68
CA LEU A 33 5.83 16.78 11.64
C LEU A 33 5.45 15.60 12.57
N THR A 34 4.21 15.61 13.06
CA THR A 34 3.71 14.50 13.86
C THR A 34 2.67 13.73 13.07
N PRO A 35 2.97 12.47 12.75
CA PRO A 35 2.04 11.68 11.95
C PRO A 35 0.65 11.67 12.60
N GLU A 36 -0.35 11.77 11.74
CA GLU A 36 -1.72 11.68 12.15
C GLU A 36 -2.05 10.29 12.73
N LEU A 37 -2.63 10.28 13.93
CA LEU A 37 -2.99 9.05 14.61
C LEU A 37 -3.81 8.10 13.76
N GLY A 38 -3.38 6.84 13.72
CA GLY A 38 -4.12 5.82 13.02
C GLY A 38 -3.99 5.89 11.51
N GLU A 39 -3.19 6.82 11.00
CA GLU A 39 -3.00 6.94 9.55
C GLU A 39 -1.63 6.44 9.11
N ALA A 40 -1.55 5.99 7.86
CA ALA A 40 -0.30 5.53 7.27
C ALA A 40 0.61 6.71 6.99
N PHE A 41 1.85 6.65 7.44
CA PHE A 41 2.77 7.78 7.19
C PHE A 41 4.09 7.30 6.60
N ALA A 42 4.23 5.98 6.48
CA ALA A 42 5.47 5.42 5.95
C ALA A 42 5.26 4.06 5.33
N ARG A 43 6.29 3.60 4.63
CA ARG A 43 6.24 2.30 3.99
C ARG A 43 7.56 1.59 4.24
N MET A 44 7.50 0.29 4.54
CA MET A 44 8.76 -0.45 4.75
C MET A 44 8.92 -1.61 3.78
N TYR A 45 10.17 -1.83 3.38
CA TYR A 45 10.55 -2.91 2.48
C TYR A 45 11.68 -3.75 3.12
N ILE A 46 11.62 -5.05 2.92
CA ILE A 46 12.71 -5.93 3.32
C ILE A 46 13.11 -6.76 2.09
N PRO A 47 14.12 -6.28 1.34
CA PRO A 47 14.49 -6.85 0.03
C PRO A 47 14.85 -8.34 0.14
N GLN A 48 15.40 -8.75 1.27
CA GLN A 48 15.72 -10.15 1.48
C GLN A 48 14.45 -10.99 1.50
N PHE A 49 13.31 -10.37 1.77
CA PHE A 49 12.04 -11.11 1.74
C PHE A 49 11.35 -10.97 0.38
N GLY A 50 12.04 -10.45 -0.62
CA GLY A 50 11.45 -10.34 -1.95
C GLY A 50 10.88 -8.96 -2.22
N SER A 51 10.71 -8.63 -3.49
CA SER A 51 10.24 -7.30 -3.89
C SER A 51 8.79 -7.05 -3.52
N ASP A 52 8.00 -8.12 -3.46
CA ASP A 52 6.59 -7.99 -3.14
CA ASP A 52 6.59 -8.00 -3.13
C ASP A 52 6.36 -7.64 -1.66
N PHE A 53 7.39 -7.80 -0.84
CA PHE A 53 7.24 -7.52 0.58
C PHE A 53 7.31 -6.02 0.83
N GLN A 54 6.16 -5.42 1.12
CA GLN A 54 6.10 -4.01 1.50
C GLN A 54 4.84 -3.79 2.30
N PHE A 55 4.97 -2.99 3.34
CA PHE A 55 3.84 -2.72 4.21
C PHE A 55 3.81 -1.24 4.52
N ALA A 56 2.61 -0.67 4.53
CA ALA A 56 2.41 0.65 5.08
C ALA A 56 2.59 0.60 6.59
N ILE A 57 3.14 1.66 7.14
CA ILE A 57 3.25 1.77 8.57
C ILE A 57 2.27 2.81 9.06
N VAL A 58 1.50 2.46 10.07
CA VAL A 58 0.47 3.34 10.63
C VAL A 58 0.95 3.94 11.96
N GLU A 59 0.45 5.12 12.33
CA GLU A 59 0.80 5.72 13.61
C GLU A 59 -0.08 5.20 14.74
N GLY A 60 0.53 4.52 15.71
CA GLY A 60 -0.22 3.88 16.77
C GLY A 60 -0.09 2.36 16.78
N THR A 61 -0.26 1.75 17.96
CA THR A 61 -0.11 0.31 18.07
C THR A 61 -1.35 -0.36 18.67
N THR A 62 -2.51 0.25 18.51
CA THR A 62 -3.75 -0.38 18.94
C THR A 62 -4.05 -1.56 18.03
N ASP A 63 -4.99 -2.40 18.47
CA ASP A 63 -5.38 -3.58 17.70
C ASP A 63 -5.85 -3.15 16.33
N ALA A 64 -6.61 -2.06 16.28
CA ALA A 64 -7.12 -1.54 15.02
C ALA A 64 -5.99 -1.07 14.09
N ASP A 65 -4.98 -0.44 14.67
CA ASP A 65 -3.81 0.03 13.90
C ASP A 65 -3.02 -1.12 13.27
N LEU A 66 -2.91 -2.23 14.01
CA LEU A 66 -2.04 -3.34 13.61
C LEU A 66 -2.77 -4.26 12.65
N GLU A 67 -3.95 -3.85 12.21
CA GLU A 67 -4.82 -4.70 11.42
C GLU A 67 -4.33 -4.89 9.99
N ALA A 68 -3.81 -3.83 9.37
CA ALA A 68 -3.38 -3.93 7.98
C ALA A 68 -1.87 -3.92 7.80
N GLY A 69 -1.12 -3.93 8.91
CA GLY A 69 0.34 -3.87 8.84
C GLY A 69 0.96 -3.32 10.12
N PRO A 70 2.26 -3.03 10.08
CA PRO A 70 2.91 -2.56 11.31
C PRO A 70 2.37 -1.20 11.77
N GLY A 71 2.43 -0.98 13.09
CA GLY A 71 2.11 0.34 13.66
C GLY A 71 3.31 0.89 14.40
N HIS A 72 3.48 2.21 14.37
CA HIS A 72 4.54 2.91 15.10
C HIS A 72 4.15 3.14 16.56
N TYR A 73 5.01 2.74 17.52
CA TYR A 73 4.82 3.13 18.91
C TYR A 73 4.90 4.67 19.03
N ASN A 74 3.80 5.29 19.45
CA ASN A 74 3.66 6.74 19.46
C ASN A 74 4.76 7.57 20.09
N ASP A 75 5.29 7.13 21.21
CA ASP A 75 6.27 7.99 21.88
C ASP A 75 7.72 7.71 21.44
N THR A 76 7.92 6.94 20.37
CA THR A 76 9.28 6.65 19.92
C THR A 76 9.66 7.53 18.73
N GLN A 77 10.92 7.43 18.29
CA GLN A 77 11.41 8.31 17.24
C GLN A 77 10.85 7.88 15.92
N LEU A 78 11.05 8.71 14.91
CA LEU A 78 10.50 8.51 13.58
C LEU A 78 11.66 8.14 12.65
N PRO A 79 11.38 7.76 11.39
CA PRO A 79 12.45 7.21 10.56
C PRO A 79 13.61 8.18 10.32
N GLY A 80 14.85 7.70 10.45
CA GLY A 80 16.00 8.54 10.17
C GLY A 80 16.51 9.31 11.38
N GLU A 81 15.78 9.24 12.47
CA GLU A 81 16.13 9.98 13.67
C GLU A 81 17.06 9.21 14.59
N ARG A 82 17.95 9.94 15.25
CA ARG A 82 18.79 9.36 16.29
C ARG A 82 17.89 8.97 17.45
N GLY A 83 18.13 7.78 18.01
CA GLY A 83 17.20 7.20 18.99
C GLY A 83 16.66 5.91 18.42
N ASN A 84 15.39 5.63 18.68
CA ASN A 84 14.80 4.33 18.35
C ASN A 84 13.44 4.49 17.67
N PHE A 85 13.39 4.14 16.39
CA PHE A 85 12.13 4.15 15.64
C PHE A 85 11.52 2.73 15.78
N ALA A 86 10.47 2.59 16.60
CA ALA A 86 9.93 1.27 16.96
C ALA A 86 8.53 1.01 16.35
N VAL A 87 8.35 -0.20 15.84
CA VAL A 87 7.06 -0.61 15.30
C VAL A 87 6.70 -2.02 15.80
N ALA A 88 5.41 -2.26 15.90
CA ALA A 88 4.84 -3.56 16.25
C ALA A 88 4.15 -4.10 15.01
N GLY A 89 4.04 -5.42 14.91
CA GLY A 89 3.29 -6.00 13.81
C GLY A 89 2.90 -7.42 14.14
N HIS A 90 1.83 -7.89 13.52
CA HIS A 90 1.35 -9.25 13.71
C HIS A 90 2.27 -10.26 13.05
N ARG A 91 2.21 -11.47 13.60
CA ARG A 91 3.03 -12.58 13.19
C ARG A 91 2.21 -13.60 12.45
N VAL A 92 0.97 -13.78 12.90
CA VAL A 92 0.09 -14.81 12.33
C VAL A 92 -1.06 -14.17 11.56
N GLY A 93 -1.55 -14.90 10.57
CA GLY A 93 -2.63 -14.39 9.74
C GLY A 93 -2.18 -14.27 8.31
N LYS A 94 -3.15 -14.25 7.39
CA LYS A 94 -2.85 -14.07 5.98
C LYS A 94 -2.33 -12.66 5.76
N GLY A 95 -1.05 -12.56 5.41
CA GLY A 95 -0.44 -11.26 5.16
C GLY A 95 0.10 -10.55 6.39
N ALA A 96 0.32 -11.29 7.48
CA ALA A 96 0.97 -10.72 8.66
C ALA A 96 2.37 -10.30 8.24
N PRO A 97 2.82 -9.10 8.67
CA PRO A 97 4.11 -8.62 8.16
C PRO A 97 5.30 -9.29 8.83
N PHE A 98 5.17 -9.76 10.07
CA PHE A 98 6.38 -10.08 10.85
C PHE A 98 6.50 -11.57 11.19
N ASN A 99 5.93 -12.44 10.36
CA ASN A 99 6.03 -13.88 10.63
C ASN A 99 7.46 -14.40 10.45
N ASP A 100 8.25 -13.76 9.60
CA ASP A 100 9.57 -14.29 9.23
C ASP A 100 10.78 -13.49 9.72
N LEU A 101 10.60 -12.68 10.75
CA LEU A 101 11.70 -11.87 11.29
C LEU A 101 12.89 -12.73 11.81
N GLY A 102 12.59 -13.98 12.17
CA GLY A 102 13.59 -14.92 12.66
C GLY A 102 14.56 -15.35 11.58
N ASN A 103 14.20 -15.08 10.33
CA ASN A 103 15.03 -15.45 9.19
C ASN A 103 15.93 -14.34 8.73
N LEU A 104 15.77 -13.14 9.30
CA LEU A 104 16.72 -12.05 9.00
C LEU A 104 18.12 -12.35 9.55
N ASN A 105 19.13 -11.94 8.80
CA ASN A 105 20.51 -12.07 9.27
C ASN A 105 21.14 -10.71 9.43
N VAL A 106 22.24 -10.65 10.20
CA VAL A 106 22.96 -9.39 10.37
C VAL A 106 23.26 -8.77 9.00
N CYS A 107 23.08 -7.45 8.91
CA CYS A 107 23.36 -6.63 7.73
C CYS A 107 22.25 -6.68 6.67
N ASP A 108 21.26 -7.55 6.84
CA ASP A 108 20.06 -7.48 6.00
C ASP A 108 19.43 -6.07 6.11
N ALA A 109 18.99 -5.51 4.98
CA ALA A 109 18.44 -4.14 4.92
C ALA A 109 16.95 -4.11 5.26
N ILE A 110 16.56 -3.09 6.02
CA ILE A 110 15.17 -2.73 6.16
C ILE A 110 15.07 -1.30 5.59
N VAL A 111 14.32 -1.12 4.52
CA VAL A 111 14.20 0.19 3.90
C VAL A 111 12.89 0.84 4.29
N VAL A 112 12.96 2.09 4.74
CA VAL A 112 11.79 2.82 5.20
C VAL A 112 11.65 4.13 4.43
N GLU A 113 10.49 4.28 3.83
CA GLU A 113 10.16 5.46 3.06
C GLU A 113 9.15 6.32 3.81
N THR A 114 9.41 7.61 3.91
CA THR A 114 8.35 8.52 4.30
C THR A 114 7.95 9.41 3.11
N ARG A 115 7.02 10.32 3.33
CA ARG A 115 6.68 11.25 2.24
C ARG A 115 7.84 12.19 1.81
N THR A 116 8.87 12.35 2.65
CA THR A 116 9.97 13.22 2.33
C THR A 116 11.34 12.54 2.28
N SER A 117 11.44 11.24 2.58
CA SER A 117 12.77 10.68 2.79
C SER A 117 12.87 9.18 2.56
N TRP A 118 14.10 8.70 2.41
CA TRP A 118 14.42 7.27 2.39
C TRP A 118 15.41 7.02 3.52
N SER A 119 15.19 5.93 4.28
CA SER A 119 16.11 5.49 5.33
C SER A 119 16.47 4.02 5.06
N VAL A 120 17.72 3.67 5.30
CA VAL A 120 18.12 2.28 5.25
C VAL A 120 18.63 1.91 6.62
N TYR A 121 18.00 0.92 7.23
CA TYR A 121 18.50 0.29 8.44
C TYR A 121 19.07 -1.09 8.14
N ARG A 122 20.03 -1.54 8.92
CA ARG A 122 20.59 -2.87 8.73
C ARG A 122 20.58 -3.65 10.03
N VAL A 123 20.10 -4.88 9.96
CA VAL A 123 19.99 -5.74 11.13
C VAL A 123 21.33 -5.86 11.85
N MET A 124 21.31 -5.63 13.15
CA MET A 124 22.55 -5.65 13.93
C MET A 124 23.02 -7.09 14.20
N PRO A 125 24.29 -7.26 14.61
CA PRO A 125 24.73 -8.65 14.91
C PRO A 125 23.85 -9.40 15.93
N VAL A 126 23.57 -10.67 15.62
CA VAL A 126 22.71 -11.51 16.44
C VAL A 126 23.54 -12.54 17.26
N ASP A 127 23.42 -12.47 18.58
CA ASP A 127 23.98 -13.45 19.53
C ASP A 127 25.52 -13.44 19.64
N SER A 128 26.20 -12.93 18.62
CA SER A 128 27.66 -12.92 18.66
C SER A 128 28.21 -11.84 19.61
N SER A 129 29.47 -11.96 19.99
CA SER A 129 30.14 -10.96 20.82
C SER A 129 31.61 -10.85 20.43
N GLY A 130 32.28 -9.81 20.91
CA GLY A 130 33.72 -9.68 20.71
C GLY A 130 34.10 -9.63 19.24
N GLN A 131 35.12 -10.39 18.89
CA GLN A 131 35.66 -10.35 17.54
C GLN A 131 34.65 -10.72 16.47
N GLN A 132 33.82 -11.72 16.74
CA GLN A 132 32.89 -12.15 15.71
C GLN A 132 31.83 -11.09 15.45
N ARG A 133 31.37 -10.45 16.52
CA ARG A 133 30.38 -9.37 16.44
C ARG A 133 30.94 -8.21 15.61
N TYR A 134 32.21 -7.88 15.88
CA TYR A 134 32.88 -6.81 15.17
C TYR A 134 32.99 -7.12 13.68
N ASP A 135 33.49 -8.31 13.38
CA ASP A 135 33.65 -8.72 11.99
C ASP A 135 32.30 -8.72 11.26
N GLU A 136 31.25 -9.14 11.95
CA GLU A 136 29.93 -9.15 11.31
C GLU A 136 29.44 -7.71 11.08
N ALA A 137 29.70 -6.84 12.04
CA ALA A 137 29.27 -5.46 11.94
C ALA A 137 30.06 -4.73 10.85
N MET A 138 31.32 -5.11 10.69
CA MET A 138 32.18 -4.51 9.66
C MET A 138 31.71 -4.81 8.24
N GLY A 139 30.80 -5.76 8.10
CA GLY A 139 30.24 -6.09 6.79
C GLY A 139 29.32 -5.03 6.20
N CYS A 140 28.74 -4.15 7.02
CA CYS A 140 27.81 -3.15 6.48
C CYS A 140 27.73 -1.84 7.27
N PHE A 141 28.36 -1.78 8.45
CA PHE A 141 28.37 -0.53 9.20
C PHE A 141 29.70 0.20 9.04
N THR A 142 29.77 1.45 9.49
CA THR A 142 31.03 2.18 9.47
C THR A 142 31.96 1.56 10.52
N PRO A 143 33.28 1.82 10.39
CA PRO A 143 34.20 1.28 11.40
C PRO A 143 33.87 1.85 12.76
N GLU A 144 33.44 3.11 12.80
CA GLU A 144 33.00 3.74 14.04
C GLU A 144 31.74 3.07 14.63
N GLN A 145 30.72 2.84 13.80
CA GLN A 145 29.56 2.08 14.28
C GLN A 145 29.97 0.68 14.77
N ALA A 146 30.84 0.00 14.03
CA ALA A 146 31.26 -1.34 14.45
C ALA A 146 31.88 -1.32 15.83
N GLU A 147 32.65 -0.28 16.14
CA GLU A 147 33.27 -0.19 17.45
C GLU A 147 32.25 0.04 18.52
N ARG A 148 31.31 0.95 18.27
CA ARG A 148 30.22 1.19 19.22
C ARG A 148 29.36 -0.06 19.46
N ILE A 149 29.11 -0.83 18.40
CA ILE A 149 28.36 -2.08 18.51
C ILE A 149 29.12 -3.13 19.30
N THR A 150 30.44 -3.12 19.17
CA THR A 150 31.24 -4.16 19.82
C THR A 150 31.65 -3.82 21.27
N HIS A 151 32.05 -2.58 21.53
CA HIS A 151 32.65 -2.18 22.81
C HIS A 151 32.09 -0.90 23.40
N GLY A 152 31.11 -0.32 22.72
CA GLY A 152 30.62 1.00 23.10
C GLY A 152 29.19 0.99 23.59
N ASP A 153 28.48 2.08 23.29
CA ASP A 153 27.13 2.25 23.82
C ASP A 153 26.13 1.18 23.33
N TYR A 154 26.47 0.50 22.26
CA TYR A 154 25.57 -0.48 21.66
C TYR A 154 26.08 -1.92 21.87
N GLU A 155 27.06 -2.08 22.76
CA GLU A 155 27.63 -3.41 23.00
C GLU A 155 26.57 -4.42 23.49
N HIS A 156 25.65 -3.96 24.34
CA HIS A 156 24.62 -4.84 24.92
C HIS A 156 23.44 -5.11 23.97
N VAL A 157 23.41 -4.48 22.80
CA VAL A 157 22.19 -4.53 21.97
C VAL A 157 22.25 -5.68 20.97
N ASN A 158 21.46 -6.71 21.23
CA ASN A 158 21.37 -7.89 20.36
C ASN A 158 20.44 -7.60 19.19
N GLY A 159 20.83 -7.96 17.97
CA GLY A 159 19.99 -7.73 16.80
C GLY A 159 18.65 -8.48 16.83
N ARG A 160 18.57 -9.60 17.55
CA ARG A 160 17.29 -10.31 17.70
C ARG A 160 17.27 -11.11 19.00
N PHE A 161 16.17 -11.06 19.71
CA PHE A 161 16.02 -11.84 20.96
C PHE A 161 14.56 -11.96 21.33
N ILE A 162 14.30 -12.83 22.29
CA ILE A 162 12.95 -13.08 22.78
C ILE A 162 12.82 -12.49 24.18
N THR A 163 11.67 -11.90 24.47
CA THR A 163 11.50 -11.25 25.77
C THR A 163 10.04 -11.34 26.21
N THR A 164 9.72 -10.73 27.35
CA THR A 164 8.37 -10.77 27.92
C THR A 164 7.64 -9.49 27.52
N PRO A 165 6.27 -9.52 27.53
CA PRO A 165 5.47 -8.36 27.07
C PRO A 165 5.76 -7.06 27.83
N GLY A 166 6.20 -7.14 29.08
CA GLY A 166 6.47 -5.93 29.86
C GLY A 166 7.83 -5.29 29.63
N ASP A 167 8.58 -5.77 28.66
CA ASP A 167 9.94 -5.29 28.43
C ASP A 167 9.94 -3.93 27.67
N VAL A 168 9.47 -2.87 28.33
CA VAL A 168 9.22 -1.60 27.64
C VAL A 168 10.51 -0.90 27.17
N SER A 169 11.66 -1.24 27.76
CA SER A 169 12.91 -0.56 27.38
C SER A 169 13.41 -1.02 26.02
N THR A 170 12.83 -2.08 25.46
CA THR A 170 13.17 -2.46 24.09
C THR A 170 12.89 -1.34 23.08
N ILE A 171 11.96 -0.45 23.39
CA ILE A 171 11.63 0.65 22.47
C ILE A 171 12.19 2.01 22.96
N SER A 172 13.02 2.00 24.00
CA SER A 172 13.69 3.23 24.48
C SER A 172 14.70 3.76 23.48
N ALA A 173 14.93 5.07 23.52
CA ALA A 173 15.79 5.75 22.54
C ALA A 173 17.13 5.03 22.39
N LEU A 174 17.71 4.64 23.52
CA LEU A 174 18.84 3.74 23.54
C LEU A 174 18.31 2.39 24.04
N PRO A 175 18.19 1.39 23.16
CA PRO A 175 17.41 0.18 23.51
C PRO A 175 17.95 -0.59 24.72
N GLU A 176 17.03 -1.17 25.49
CA GLU A 176 17.33 -1.94 26.70
C GLU A 176 18.18 -1.18 27.72
N THR A 177 17.92 0.12 27.81
CA THR A 177 18.51 0.98 28.85
C THR A 177 17.43 1.87 29.43
N ASP A 178 17.81 2.66 30.43
CA ASP A 178 16.90 3.63 31.04
C ASP A 178 16.99 5.03 30.39
N VAL A 179 17.60 5.13 29.21
CA VAL A 179 17.69 6.41 28.50
C VAL A 179 16.53 6.58 27.54
N ILE A 180 15.57 7.43 27.89
CA ILE A 180 14.34 7.57 27.12
C ILE A 180 14.38 8.71 26.11
N GLU A 181 15.04 9.81 26.47
CA GLU A 181 15.15 10.95 25.57
C GLU A 181 16.21 10.70 24.50
N ALA A 182 15.87 11.01 23.26
CA ALA A 182 16.83 11.00 22.18
C ALA A 182 17.96 11.98 22.48
N ASP A 183 19.18 11.66 22.06
CA ASP A 183 20.36 12.47 22.34
C ASP A 183 21.24 12.52 21.08
N PRO A 184 21.98 13.63 20.84
CA PRO A 184 22.70 13.71 19.55
C PRO A 184 23.81 12.69 19.42
N GLY A 185 24.22 12.04 20.51
CA GLY A 185 25.28 11.05 20.43
C GLY A 185 24.81 9.67 20.01
N MET A 186 23.49 9.49 19.89
CA MET A 186 22.94 8.17 19.55
C MET A 186 22.98 7.88 18.05
N GLU A 187 23.14 6.61 17.70
CA GLU A 187 22.83 6.12 16.37
C GLU A 187 21.30 6.11 16.17
N GLY A 188 20.88 5.97 14.92
CA GLY A 188 19.49 5.70 14.66
C GLY A 188 19.29 4.19 14.78
N ILE A 189 18.30 3.81 15.59
CA ILE A 189 17.90 2.43 15.68
C ILE A 189 16.49 2.25 15.14
N MET A 190 16.24 1.13 14.46
CA MET A 190 14.86 0.74 14.18
C MET A 190 14.56 -0.58 14.93
N THR A 191 13.41 -0.62 15.58
CA THR A 191 13.01 -1.81 16.34
C THR A 191 11.71 -2.38 15.79
N MET A 192 11.68 -3.69 15.55
CA MET A 192 10.45 -4.40 15.22
C MET A 192 10.07 -5.38 16.33
N THR A 193 8.82 -5.33 16.78
CA THR A 193 8.33 -6.23 17.82
C THR A 193 7.15 -7.06 17.29
N THR A 194 7.07 -8.33 17.69
CA THR A 194 5.92 -9.16 17.34
C THR A 194 5.79 -10.24 18.40
N HIS A 196 5.40 -14.12 20.12
CA HIS A 196 6.26 -15.30 20.13
C HIS A 196 5.76 -16.20 21.26
N PRO A 197 5.86 -17.54 21.11
CA PRO A 197 6.34 -18.22 19.89
C PRO A 197 5.38 -18.07 18.69
N GLN A 198 5.70 -18.81 17.63
CA GLN A 198 5.03 -18.68 16.34
C GLN A 198 3.51 -18.58 16.41
N PHE A 199 2.85 -19.46 17.18
CA PHE A 199 1.38 -19.40 17.23
C PHE A 199 0.81 -18.94 18.58
N SER A 200 1.59 -18.13 19.29
CA SER A 200 1.27 -17.75 20.65
C SER A 200 1.44 -16.23 20.87
N ASN A 201 0.83 -15.67 21.92
CA ASN A 201 1.14 -14.29 22.29
C ASN A 201 1.69 -14.17 23.72
N ALA A 202 2.28 -15.25 24.22
CA ALA A 202 2.86 -15.26 25.56
C ALA A 202 4.11 -14.36 25.65
N GLU A 203 4.99 -14.49 24.68
CA GLU A 203 6.24 -13.76 24.64
C GLU A 203 6.29 -12.80 23.45
N ARG A 204 7.45 -12.16 23.26
CA ARG A 204 7.63 -11.18 22.18
C ARG A 204 8.96 -11.39 21.52
N MET A 205 8.98 -11.32 20.20
CA MET A 205 10.26 -11.30 19.49
C MET A 205 10.64 -9.86 19.21
N ILE A 206 11.92 -9.54 19.43
CA ILE A 206 12.48 -8.20 19.19
C ILE A 206 13.59 -8.27 18.13
N VAL A 207 13.56 -7.35 17.16
CA VAL A 207 14.68 -7.20 16.21
C VAL A 207 15.17 -5.75 16.21
N HIS A 208 16.49 -5.56 16.25
CA HIS A 208 17.07 -4.22 16.19
C HIS A 208 17.93 -4.10 14.94
N ALA A 209 17.77 -2.98 14.23
CA ALA A 209 18.58 -2.66 13.08
C ALA A 209 19.10 -1.22 13.28
N MET A 210 20.28 -0.93 12.76
CA MET A 210 20.91 0.36 12.93
C MET A 210 20.95 1.12 11.60
N LEU A 211 20.74 2.43 11.69
CA LEU A 211 20.62 3.32 10.54
C LEU A 211 21.96 3.56 9.86
N THR A 212 22.00 3.36 8.54
CA THR A 212 23.23 3.50 7.76
C THR A 212 23.07 4.53 6.63
N GLU A 213 21.83 4.75 6.20
CA GLU A 213 21.51 5.80 5.22
C GLU A 213 20.26 6.55 5.58
N HIS A 214 20.25 7.87 5.34
CA HIS A 214 19.02 8.68 5.49
C HIS A 214 19.13 9.94 4.64
N PHE A 215 18.23 10.10 3.67
CA PHE A 215 18.33 11.24 2.74
C PHE A 215 16.94 11.63 2.22
N PRO A 216 16.81 12.89 1.75
CA PRO A 216 15.51 13.41 1.31
C PRO A 216 15.13 12.96 -0.10
N LYS A 217 13.83 12.86 -0.36
CA LYS A 217 13.33 12.61 -1.69
C LYS A 217 13.49 13.87 -2.55
N ASN A 218 12.89 13.85 -3.74
CA ASN A 218 12.88 14.89 -4.77
C ASN A 218 14.02 14.59 -5.75
N GLY A 219 13.69 13.77 -6.74
CA GLY A 219 14.70 13.08 -7.52
C GLY A 219 14.34 11.62 -7.46
N ASP A 220 14.70 10.87 -8.51
CA ASP A 220 14.30 9.48 -8.65
C ASP A 220 15.14 8.53 -7.79
N ASN A 221 16.09 9.08 -7.02
CA ASN A 221 17.05 8.28 -6.27
CA ASN A 221 17.04 8.30 -6.25
C ASN A 221 16.45 7.57 -5.05
N LYS A 222 16.12 6.29 -5.22
CA LYS A 222 15.71 5.44 -4.11
C LYS A 222 16.96 4.62 -3.75
N PRO A 223 17.05 4.10 -2.51
CA PRO A 223 18.29 3.42 -2.09
C PRO A 223 18.63 2.20 -2.92
N ALA A 224 19.92 2.03 -3.17
CA ALA A 224 20.44 0.85 -3.85
C ALA A 224 20.09 -0.42 -3.08
N ALA A 225 19.83 -0.27 -1.78
CA ALA A 225 19.57 -1.44 -0.95
C ALA A 225 18.35 -2.20 -1.43
N LEU A 226 17.43 -1.49 -2.09
CA LEU A 226 16.20 -2.10 -2.61
C LEU A 226 16.46 -3.21 -3.64
N GLU A 227 17.63 -3.16 -4.29
CA GLU A 227 17.99 -4.11 -5.35
C GLU A 227 18.68 -5.37 -4.82
N GLU A 228 18.82 -5.47 -3.51
CA GLU A 228 19.47 -6.61 -2.87
C GLU A 228 18.57 -7.86 -2.74
N GLY A 229 19.13 -8.93 -2.20
CA GLY A 229 18.40 -10.17 -2.01
C GLY A 229 18.37 -11.03 -3.26
N GLU B 25 -6.11 -34.10 -22.70
CA GLU B 25 -6.90 -32.92 -22.41
C GLU B 25 -6.38 -32.15 -21.17
N ARG B 26 -5.61 -31.08 -21.43
CA ARG B 26 -4.97 -30.31 -20.36
C ARG B 26 -5.80 -29.08 -19.98
N VAL B 27 -6.10 -28.98 -18.68
CA VAL B 27 -6.90 -27.88 -18.14
C VAL B 27 -6.04 -26.65 -17.87
N ASN B 28 -6.64 -25.48 -18.05
CA ASN B 28 -6.01 -24.19 -17.83
C ASN B 28 -7.10 -23.12 -17.86
N PRO B 29 -6.94 -22.04 -17.08
CA PRO B 29 -7.83 -20.88 -17.21
C PRO B 29 -7.72 -20.29 -18.62
N ARG B 30 -8.82 -20.33 -19.37
CA ARG B 30 -8.85 -19.70 -20.71
C ARG B 30 -10.11 -18.86 -20.82
N LYS B 31 -10.18 -17.98 -21.82
CA LYS B 31 -11.38 -17.16 -22.00
C LYS B 31 -11.50 -16.65 -23.42
N LYS B 32 -12.72 -16.29 -23.80
CA LYS B 32 -12.96 -15.65 -25.08
C LYS B 32 -12.30 -14.27 -25.12
N LEU B 33 -11.84 -13.83 -26.29
CA LEU B 33 -11.25 -12.50 -26.43
C LEU B 33 -12.27 -11.40 -26.04
N THR B 34 -13.52 -11.52 -26.51
CA THR B 34 -14.53 -10.56 -26.10
C THR B 34 -15.72 -11.34 -25.60
N PRO B 35 -16.28 -10.92 -24.45
CA PRO B 35 -17.40 -11.65 -23.84
C PRO B 35 -18.64 -11.65 -24.74
N GLU B 36 -19.43 -12.71 -24.63
CA GLU B 36 -20.72 -12.78 -25.29
C GLU B 36 -21.71 -11.79 -24.67
N LEU B 37 -22.50 -11.09 -25.49
CA LEU B 37 -23.56 -10.23 -25.01
C LEU B 37 -24.36 -10.93 -23.92
N GLY B 38 -24.55 -10.24 -22.80
CA GLY B 38 -25.32 -10.76 -21.67
C GLY B 38 -24.68 -11.83 -20.81
N GLU B 39 -23.45 -12.28 -21.13
CA GLU B 39 -22.84 -13.33 -20.30
C GLU B 39 -21.99 -12.69 -19.20
N ALA B 40 -21.92 -13.38 -18.07
CA ALA B 40 -21.08 -12.96 -16.95
C ALA B 40 -19.63 -13.35 -17.22
N PHE B 41 -18.74 -12.37 -17.38
CA PHE B 41 -17.37 -12.66 -17.74
C PHE B 41 -16.36 -12.25 -16.68
N ALA B 42 -16.84 -11.58 -15.64
CA ALA B 42 -15.93 -11.09 -14.60
C ALA B 42 -16.64 -11.04 -13.27
N ARG B 43 -15.86 -10.89 -12.22
CA ARG B 43 -16.45 -10.68 -10.90
C ARG B 43 -15.69 -9.55 -10.22
N MET B 44 -16.40 -8.66 -9.55
CA MET B 44 -15.74 -7.56 -8.87
C MET B 44 -15.94 -7.66 -7.35
N TYR B 45 -14.90 -7.26 -6.63
CA TYR B 45 -14.88 -7.25 -5.16
C TYR B 45 -14.51 -5.85 -4.68
N ILE B 46 -15.12 -5.41 -3.59
CA ILE B 46 -14.77 -4.13 -2.97
C ILE B 46 -14.60 -4.38 -1.49
N PRO B 47 -13.37 -4.67 -1.08
CA PRO B 47 -13.08 -5.15 0.28
C PRO B 47 -13.62 -4.19 1.35
N GLN B 48 -13.54 -2.89 1.08
CA GLN B 48 -14.02 -1.90 2.06
C GLN B 48 -15.55 -2.02 2.29
N PHE B 49 -16.26 -2.72 1.41
CA PHE B 49 -17.70 -2.93 1.62
C PHE B 49 -17.96 -4.25 2.37
N GLY B 50 -16.91 -4.98 2.69
CA GLY B 50 -17.06 -6.27 3.35
C GLY B 50 -16.58 -7.45 2.51
N SER B 51 -16.13 -8.50 3.18
CA SER B 51 -15.66 -9.72 2.52
C SER B 51 -16.75 -10.38 1.66
N ASP B 52 -18.01 -10.12 1.97
CA ASP B 52 -19.13 -10.74 1.26
C ASP B 52 -19.59 -9.92 0.06
N PHE B 53 -18.94 -8.79 -0.18
CA PHE B 53 -19.35 -7.97 -1.30
C PHE B 53 -18.66 -8.43 -2.58
N GLN B 54 -19.40 -9.12 -3.42
CA GLN B 54 -18.90 -9.49 -4.75
C GLN B 54 -20.06 -9.57 -5.72
N PHE B 55 -19.83 -9.09 -6.93
CA PHE B 55 -20.85 -9.12 -7.98
C PHE B 55 -20.27 -9.62 -9.27
N ALA B 56 -21.00 -10.51 -9.93
CA ALA B 56 -20.72 -10.88 -11.31
C ALA B 56 -20.98 -9.68 -12.23
N ILE B 57 -20.17 -9.53 -13.27
CA ILE B 57 -20.33 -8.46 -14.22
C ILE B 57 -20.70 -9.06 -15.57
N VAL B 58 -21.80 -8.61 -16.16
CA VAL B 58 -22.18 -9.10 -17.48
C VAL B 58 -21.77 -8.14 -18.58
N GLU B 59 -21.71 -8.65 -19.80
CA GLU B 59 -21.44 -7.82 -20.97
C GLU B 59 -22.72 -7.14 -21.45
N GLY B 60 -22.72 -5.81 -21.46
CA GLY B 60 -23.89 -5.03 -21.86
C GLY B 60 -24.50 -4.26 -20.70
N THR B 61 -25.22 -3.18 -21.01
CA THR B 61 -25.78 -2.34 -19.98
C THR B 61 -27.27 -2.13 -20.19
N THR B 62 -27.95 -3.03 -20.88
CA THR B 62 -29.40 -2.86 -21.04
C THR B 62 -30.11 -3.06 -19.68
N ASP B 63 -31.39 -2.71 -19.63
CA ASP B 63 -32.18 -2.93 -18.43
C ASP B 63 -32.08 -4.36 -17.96
N ALA B 64 -32.33 -5.30 -18.87
CA ALA B 64 -32.31 -6.72 -18.53
C ALA B 64 -30.96 -7.16 -17.96
N ASP B 65 -29.88 -6.71 -18.59
CA ASP B 65 -28.53 -6.99 -18.08
C ASP B 65 -28.27 -6.47 -16.68
N LEU B 66 -28.80 -5.29 -16.38
CA LEU B 66 -28.47 -4.62 -15.12
C LEU B 66 -29.31 -5.13 -13.95
N GLU B 67 -30.29 -5.98 -14.24
CA GLU B 67 -31.19 -6.42 -13.19
C GLU B 67 -30.49 -7.17 -12.06
N ALA B 68 -29.60 -8.10 -12.40
CA ALA B 68 -28.98 -8.93 -11.37
C ALA B 68 -27.64 -8.41 -10.85
N GLY B 69 -27.14 -7.32 -11.46
CA GLY B 69 -25.82 -6.82 -11.11
C GLY B 69 -25.27 -5.86 -12.15
N PRO B 70 -23.98 -5.50 -12.01
CA PRO B 70 -23.34 -4.53 -12.89
C PRO B 70 -23.16 -5.06 -14.32
N GLY B 71 -23.13 -4.16 -15.29
CA GLY B 71 -22.97 -4.54 -16.68
C GLY B 71 -21.87 -3.67 -17.27
N HIS B 72 -21.06 -4.28 -18.12
CA HIS B 72 -19.97 -3.60 -18.82
C HIS B 72 -20.48 -2.81 -20.03
N TYR B 73 -20.08 -1.55 -20.11
CA TYR B 73 -20.34 -0.77 -21.33
C TYR B 73 -19.62 -1.43 -22.52
N ASN B 74 -20.40 -1.87 -23.52
CA ASN B 74 -19.91 -2.57 -24.72
C ASN B 74 -18.64 -2.07 -25.42
N ASP B 75 -18.61 -0.78 -25.72
CA ASP B 75 -17.49 -0.31 -26.53
C ASP B 75 -16.25 0.06 -25.70
N THR B 76 -16.26 -0.19 -24.38
CA THR B 76 -15.15 0.28 -23.55
C THR B 76 -14.12 -0.83 -23.32
N GLN B 77 -12.99 -0.51 -22.68
CA GLN B 77 -11.94 -1.50 -22.46
C GLN B 77 -12.36 -2.54 -21.43
N LEU B 78 -11.57 -3.60 -21.32
CA LEU B 78 -11.89 -4.71 -20.44
C LEU B 78 -10.90 -4.70 -19.28
N PRO B 79 -11.11 -5.55 -18.25
CA PRO B 79 -10.29 -5.41 -17.05
C PRO B 79 -8.79 -5.53 -17.33
N GLY B 80 -8.01 -4.62 -16.75
CA GLY B 80 -6.57 -4.66 -16.85
C GLY B 80 -6.02 -3.90 -18.04
N GLU B 81 -6.89 -3.33 -18.87
CA GLU B 81 -6.43 -2.73 -20.13
C GLU B 81 -6.15 -1.25 -19.95
N ARG B 82 -5.14 -0.74 -20.63
CA ARG B 82 -4.98 0.72 -20.71
C ARG B 82 -6.20 1.33 -21.42
N GLY B 83 -6.73 2.43 -20.86
CA GLY B 83 -7.96 2.99 -21.37
C GLY B 83 -8.91 2.99 -20.20
N ASN B 84 -10.17 2.62 -20.46
CA ASN B 84 -11.26 2.79 -19.49
C ASN B 84 -12.22 1.60 -19.49
N PHE B 85 -12.14 0.81 -18.44
CA PHE B 85 -13.02 -0.34 -18.26
C PHE B 85 -14.27 0.19 -17.53
N ALA B 86 -15.39 0.33 -18.25
CA ALA B 86 -16.55 1.01 -17.65
C ALA B 86 -17.70 0.06 -17.37
N VAL B 87 -18.29 0.18 -16.18
CA VAL B 87 -19.47 -0.61 -15.84
C VAL B 87 -20.56 0.27 -15.21
N ALA B 88 -21.81 -0.12 -15.45
CA ALA B 88 -22.99 0.50 -14.86
C ALA B 88 -23.65 -0.46 -13.86
N GLY B 89 -24.38 0.07 -12.87
CA GLY B 89 -25.02 -0.78 -11.88
C GLY B 89 -26.12 -0.03 -11.16
N HIS B 90 -27.12 -0.77 -10.69
CA HIS B 90 -28.22 -0.13 -9.95
C HIS B 90 -27.80 0.33 -8.56
N ARG B 91 -28.52 1.36 -8.13
CA ARG B 91 -28.28 2.11 -6.92
C ARG B 91 -29.20 1.62 -5.79
N VAL B 92 -30.45 1.35 -6.14
CA VAL B 92 -31.44 0.92 -5.16
C VAL B 92 -32.10 -0.36 -5.62
N GLY B 93 -32.46 -1.18 -4.64
CA GLY B 93 -32.99 -2.51 -4.90
C GLY B 93 -32.52 -3.44 -3.81
N LYS B 94 -33.05 -4.66 -3.79
CA LYS B 94 -32.66 -5.65 -2.79
C LYS B 94 -31.20 -6.06 -3.04
N GLY B 95 -30.27 -5.39 -2.35
CA GLY B 95 -28.85 -5.63 -2.54
C GLY B 95 -28.36 -5.21 -3.92
N ALA B 96 -28.65 -3.96 -4.30
CA ALA B 96 -28.12 -3.37 -5.53
C ALA B 96 -26.62 -3.23 -5.36
N PRO B 97 -25.88 -3.25 -6.48
CA PRO B 97 -24.42 -3.23 -6.30
C PRO B 97 -23.85 -1.89 -5.89
N PHE B 98 -24.44 -0.78 -6.31
CA PHE B 98 -23.69 0.47 -6.27
C PHE B 98 -24.34 1.49 -5.32
N ASN B 99 -25.12 1.02 -4.37
CA ASN B 99 -25.80 1.93 -3.43
C ASN B 99 -24.79 2.73 -2.60
N ASP B 100 -23.63 2.14 -2.32
CA ASP B 100 -22.67 2.78 -1.41
C ASP B 100 -21.41 3.39 -2.05
N LEU B 101 -21.44 3.66 -3.35
CA LEU B 101 -20.24 4.19 -4.03
C LEU B 101 -19.80 5.51 -3.42
N GLY B 102 -20.76 6.23 -2.84
CA GLY B 102 -20.50 7.49 -2.17
C GLY B 102 -19.60 7.37 -0.96
N ASN B 103 -19.53 6.17 -0.37
CA ASN B 103 -18.68 5.92 0.80
C ASN B 103 -17.25 5.51 0.49
N LEU B 104 -16.94 5.25 -0.77
CA LEU B 104 -15.57 4.91 -1.12
C LEU B 104 -14.66 6.11 -0.86
N ASN B 105 -13.40 5.82 -0.52
CA ASN B 105 -12.39 6.86 -0.33
C ASN B 105 -11.22 6.62 -1.27
N VAL B 106 -10.40 7.66 -1.49
CA VAL B 106 -9.21 7.52 -2.33
C VAL B 106 -8.37 6.35 -1.85
N CYS B 107 -7.88 5.54 -2.79
CA CYS B 107 -7.02 4.37 -2.53
C CYS B 107 -7.77 3.11 -2.10
N ASP B 108 -9.08 3.20 -1.86
CA ASP B 108 -9.87 1.98 -1.70
C ASP B 108 -9.74 1.07 -2.95
N ALA B 109 -9.66 -0.24 -2.74
CA ALA B 109 -9.46 -1.19 -3.82
C ALA B 109 -10.77 -1.65 -4.43
N ILE B 110 -10.77 -1.81 -5.75
CA ILE B 110 -11.79 -2.55 -6.46
C ILE B 110 -11.04 -3.69 -7.17
N VAL B 111 -11.36 -4.93 -6.85
CA VAL B 111 -10.62 -6.03 -7.44
C VAL B 111 -11.51 -6.69 -8.46
N VAL B 112 -10.95 -6.94 -9.62
CA VAL B 112 -11.72 -7.50 -10.72
C VAL B 112 -11.06 -8.79 -11.20
N GLU B 113 -11.86 -9.84 -11.20
CA GLU B 113 -11.42 -11.16 -11.59
C GLU B 113 -12.05 -11.50 -12.93
N THR B 114 -11.23 -11.99 -13.86
CA THR B 114 -11.72 -12.65 -15.10
C THR B 114 -11.34 -14.13 -15.04
N ARG B 115 -11.65 -14.91 -16.08
CA ARG B 115 -11.30 -16.33 -16.06
C ARG B 115 -9.79 -16.52 -16.03
N THR B 116 -9.05 -15.53 -16.56
CA THR B 116 -7.61 -15.67 -16.69
C THR B 116 -6.75 -14.71 -15.88
N SER B 117 -7.35 -13.82 -15.10
CA SER B 117 -6.54 -12.72 -14.56
C SER B 117 -7.16 -12.04 -13.35
N TRP B 118 -6.31 -11.32 -12.63
CA TRP B 118 -6.72 -10.48 -11.50
C TRP B 118 -6.29 -9.06 -11.80
N SER B 119 -7.18 -8.11 -11.54
CA SER B 119 -6.87 -6.69 -11.64
C SER B 119 -7.16 -6.00 -10.31
N VAL B 120 -6.32 -5.04 -9.91
CA VAL B 120 -6.65 -4.16 -8.79
C VAL B 120 -6.66 -2.73 -9.28
N TYR B 121 -7.80 -2.07 -9.07
CA TYR B 121 -7.93 -0.64 -9.29
C TYR B 121 -8.07 0.05 -7.95
N ARG B 122 -7.61 1.28 -7.86
CA ARG B 122 -7.77 2.05 -6.64
C ARG B 122 -8.46 3.37 -6.91
N VAL B 123 -9.46 3.72 -6.10
CA VAL B 123 -10.17 4.99 -6.27
C VAL B 123 -9.19 6.17 -6.31
N MET B 124 -9.38 7.02 -7.30
CA MET B 124 -8.55 8.19 -7.49
C MET B 124 -8.94 9.31 -6.53
N PRO B 125 -8.07 10.32 -6.36
CA PRO B 125 -8.39 11.42 -5.43
C PRO B 125 -9.73 12.07 -5.77
N VAL B 126 -10.49 12.34 -4.70
CA VAL B 126 -11.83 12.87 -4.81
C VAL B 126 -11.84 14.34 -4.37
N ASP B 127 -12.24 15.24 -5.27
CA ASP B 127 -12.32 16.68 -4.94
C ASP B 127 -11.03 17.31 -4.41
N SER B 128 -9.87 16.87 -4.89
CA SER B 128 -8.59 17.38 -4.40
C SER B 128 -7.80 18.03 -5.50
N SER B 129 -6.98 19.00 -5.15
CA SER B 129 -6.04 19.55 -6.11
C SER B 129 -4.70 19.77 -5.44
N GLY B 130 -3.66 20.03 -6.24
CA GLY B 130 -2.38 20.44 -5.70
C GLY B 130 -1.74 19.43 -4.76
N GLN B 131 -1.16 19.94 -3.67
CA GLN B 131 -0.42 19.11 -2.73
C GLN B 131 -1.31 18.02 -2.11
N GLN B 132 -2.54 18.39 -1.73
CA GLN B 132 -3.46 17.39 -1.17
C GLN B 132 -3.75 16.23 -2.14
N ARG B 133 -3.90 16.57 -3.40
CA ARG B 133 -4.14 15.60 -4.45
C ARG B 133 -2.91 14.67 -4.59
N TYR B 134 -1.75 15.29 -4.64
CA TYR B 134 -0.49 14.57 -4.70
C TYR B 134 -0.30 13.63 -3.50
N ASP B 135 -0.57 14.14 -2.30
CA ASP B 135 -0.43 13.33 -1.10
C ASP B 135 -1.35 12.11 -1.11
N GLU B 136 -2.58 12.34 -1.49
CA GLU B 136 -3.54 11.23 -1.54
C GLU B 136 -3.11 10.21 -2.58
N ALA B 137 -2.68 10.66 -3.75
CA ALA B 137 -2.23 9.73 -4.77
C ALA B 137 -1.03 8.85 -4.30
N MET B 138 -0.09 9.44 -3.56
CA MET B 138 1.15 8.77 -3.13
C MET B 138 0.87 7.70 -2.10
N GLY B 139 -0.35 7.70 -1.57
CA GLY B 139 -0.78 6.67 -0.66
C GLY B 139 -0.85 5.31 -1.34
N CYS B 140 -1.10 5.25 -2.65
CA CYS B 140 -1.26 3.93 -3.28
C CYS B 140 -0.84 3.83 -4.75
N PHE B 141 -0.52 4.95 -5.37
CA PHE B 141 -0.11 4.92 -6.78
C PHE B 141 1.39 5.05 -6.87
N THR B 142 1.97 4.67 -8.00
CA THR B 142 3.41 4.83 -8.19
C THR B 142 3.69 6.34 -8.19
N PRO B 143 4.94 6.76 -7.95
CA PRO B 143 5.23 8.19 -8.04
C PRO B 143 4.95 8.77 -9.43
N GLU B 144 5.16 7.95 -10.45
CA GLU B 144 4.85 8.38 -11.82
C GLU B 144 3.35 8.59 -12.02
N GLN B 145 2.53 7.67 -11.53
CA GLN B 145 1.09 7.86 -11.61
C GLN B 145 0.67 9.09 -10.81
N ALA B 146 1.21 9.23 -9.61
CA ALA B 146 0.85 10.36 -8.77
C ALA B 146 1.16 11.69 -9.46
N GLU B 147 2.21 11.72 -10.28
CA GLU B 147 2.52 12.93 -11.05
C GLU B 147 1.55 13.17 -12.19
N ARG B 148 1.16 12.10 -12.88
CA ARG B 148 0.15 12.22 -13.93
C ARG B 148 -1.20 12.69 -13.39
N ILE B 149 -1.52 12.18 -12.21
CA ILE B 149 -2.78 12.49 -11.58
C ILE B 149 -2.81 13.97 -11.14
N THR B 150 -1.66 14.46 -10.68
CA THR B 150 -1.60 15.75 -10.02
C THR B 150 -1.50 16.85 -11.05
N HIS B 151 -0.57 16.73 -11.98
CA HIS B 151 -0.52 17.75 -13.02
C HIS B 151 -0.21 17.23 -14.41
N GLY B 152 -0.57 15.98 -14.69
CA GLY B 152 -0.38 15.47 -16.04
C GLY B 152 -1.67 15.20 -16.77
N ASP B 153 -1.67 14.12 -17.55
CA ASP B 153 -2.85 13.76 -18.35
C ASP B 153 -4.11 13.43 -17.56
N TYR B 154 -3.99 13.15 -16.26
CA TYR B 154 -5.11 12.76 -15.43
C TYR B 154 -5.43 13.85 -14.41
N GLU B 155 -4.84 15.03 -14.58
CA GLU B 155 -5.10 16.16 -13.67
C GLU B 155 -6.59 16.53 -13.58
N HIS B 156 -7.30 16.41 -14.70
CA HIS B 156 -8.72 16.75 -14.73
C HIS B 156 -9.65 15.64 -14.22
N VAL B 157 -9.12 14.47 -13.89
CA VAL B 157 -9.98 13.33 -13.58
C VAL B 157 -10.29 13.24 -12.09
N ASN B 158 -11.56 13.44 -11.74
CA ASN B 158 -12.01 13.39 -10.35
C ASN B 158 -12.44 11.96 -9.98
N GLY B 159 -12.09 11.50 -8.78
CA GLY B 159 -12.38 10.13 -8.37
C GLY B 159 -13.87 9.86 -8.20
N ARG B 160 -14.64 10.89 -7.88
CA ARG B 160 -16.08 10.72 -7.79
C ARG B 160 -16.78 12.05 -8.01
N PHE B 161 -17.82 12.06 -8.81
CA PHE B 161 -18.58 13.29 -9.04
C PHE B 161 -19.96 12.94 -9.60
N ILE B 162 -20.81 13.97 -9.72
CA ILE B 162 -22.19 13.82 -10.21
C ILE B 162 -22.25 14.52 -11.54
N THR B 163 -22.96 13.93 -12.48
CA THR B 163 -23.06 14.52 -13.79
C THR B 163 -24.44 14.21 -14.36
N THR B 164 -24.68 14.61 -15.61
CA THR B 164 -25.96 14.38 -16.27
C THR B 164 -25.92 13.08 -17.09
N PRO B 165 -27.10 12.52 -17.45
CA PRO B 165 -27.07 11.25 -18.19
C PRO B 165 -26.37 11.33 -19.56
N GLY B 166 -26.27 12.54 -20.14
CA GLY B 166 -25.66 12.71 -21.44
C GLY B 166 -24.14 12.75 -21.45
N ASP B 167 -23.52 12.59 -20.29
CA ASP B 167 -22.07 12.79 -20.17
C ASP B 167 -21.29 11.53 -20.60
N VAL B 168 -21.31 11.25 -21.89
CA VAL B 168 -20.72 10.00 -22.40
C VAL B 168 -19.22 9.98 -22.32
N SER B 169 -18.58 11.15 -22.23
CA SER B 169 -17.14 11.20 -22.17
C SER B 169 -16.61 10.58 -20.86
N THR B 170 -17.49 10.31 -19.91
CA THR B 170 -17.08 9.66 -18.65
C THR B 170 -16.57 8.24 -18.91
N ILE B 171 -16.97 7.62 -20.02
CA ILE B 171 -16.51 6.24 -20.27
C ILE B 171 -15.49 6.21 -21.42
N SER B 172 -15.07 7.39 -21.88
CA SER B 172 -13.99 7.46 -22.87
C SER B 172 -12.66 6.87 -22.35
N ALA B 173 -11.82 6.37 -23.27
CA ALA B 173 -10.56 5.71 -22.90
C ALA B 173 -9.73 6.62 -21.98
N LEU B 174 -9.65 7.89 -22.33
CA LEU B 174 -9.16 8.90 -21.38
C LEU B 174 -10.41 9.61 -20.85
N PRO B 175 -10.75 9.40 -19.56
CA PRO B 175 -12.08 9.88 -19.16
C PRO B 175 -12.23 11.38 -19.20
N GLU B 176 -13.47 11.81 -19.46
CA GLU B 176 -13.87 13.20 -19.63
C GLU B 176 -13.05 13.90 -20.71
N THR B 177 -12.67 13.15 -21.75
CA THR B 177 -12.09 13.74 -22.95
C THR B 177 -12.75 13.16 -24.18
N ASP B 178 -12.32 13.62 -25.35
CA ASP B 178 -12.81 13.08 -26.61
C ASP B 178 -11.94 11.92 -27.11
N VAL B 179 -10.96 11.51 -26.32
CA VAL B 179 -10.05 10.44 -26.74
C VAL B 179 -10.68 9.09 -26.47
N ILE B 180 -11.24 8.47 -27.51
CA ILE B 180 -11.99 7.24 -27.32
C ILE B 180 -11.20 5.97 -27.64
N GLU B 181 -10.15 6.09 -28.43
CA GLU B 181 -9.32 4.93 -28.71
C GLU B 181 -8.23 4.76 -27.67
N ALA B 182 -8.07 3.53 -27.16
CA ALA B 182 -6.99 3.22 -26.22
C ALA B 182 -5.61 3.45 -26.83
N ASP B 183 -4.70 4.01 -26.05
CA ASP B 183 -3.34 4.26 -26.53
C ASP B 183 -2.32 3.81 -25.45
N PRO B 184 -1.10 3.46 -25.87
CA PRO B 184 -0.18 2.86 -24.89
C PRO B 184 0.32 3.81 -23.81
N GLY B 185 0.05 5.11 -23.96
CA GLY B 185 0.49 6.09 -22.98
C GLY B 185 -0.55 6.20 -21.88
N MET B 186 -1.70 5.56 -22.04
CA MET B 186 -2.75 5.67 -21.03
C MET B 186 -2.53 4.77 -19.84
N GLU B 187 -3.01 5.21 -18.69
CA GLU B 187 -3.16 4.32 -17.53
C GLU B 187 -4.38 3.45 -17.74
N GLY B 188 -4.53 2.43 -16.90
CA GLY B 188 -5.80 1.73 -16.86
C GLY B 188 -6.73 2.45 -15.90
N ILE B 189 -7.96 2.69 -16.35
CA ILE B 189 -8.99 3.28 -15.50
C ILE B 189 -10.15 2.30 -15.39
N MET B 190 -10.77 2.23 -14.21
CA MET B 190 -12.10 1.61 -14.10
C MET B 190 -13.10 2.66 -13.75
N THR B 191 -14.23 2.64 -14.45
CA THR B 191 -15.30 3.59 -14.19
C THR B 191 -16.58 2.86 -13.73
N MET B 192 -17.19 3.33 -12.64
CA MET B 192 -18.46 2.77 -12.20
C MET B 192 -19.49 3.87 -12.27
N THR B 193 -20.61 3.58 -12.93
CA THR B 193 -21.70 4.57 -13.01
C THR B 193 -22.99 4.04 -12.40
N THR B 194 -23.76 4.93 -11.77
CA THR B 194 -25.05 4.53 -11.24
C THR B 194 -25.96 5.77 -11.19
N HIS B 196 -28.46 8.79 -9.65
CA HIS B 196 -28.31 9.79 -8.59
C HIS B 196 -29.43 10.79 -8.77
N PRO B 197 -29.94 11.35 -7.65
CA PRO B 197 -29.61 11.06 -6.25
C PRO B 197 -30.12 9.67 -5.81
N GLN B 198 -29.93 9.34 -4.54
CA GLN B 198 -30.13 7.99 -4.01
C GLN B 198 -31.39 7.28 -4.51
N PHE B 199 -32.54 7.95 -4.54
CA PHE B 199 -33.76 7.27 -4.99
C PHE B 199 -34.32 7.83 -6.29
N SER B 200 -33.43 8.30 -7.15
CA SER B 200 -33.83 8.98 -8.37
C SER B 200 -33.05 8.48 -9.57
N ASN B 201 -33.54 8.78 -10.77
CA ASN B 201 -32.73 8.47 -11.94
C ASN B 201 -32.47 9.73 -12.78
N ALA B 202 -32.56 10.89 -12.13
CA ALA B 202 -32.37 12.18 -12.79
C ALA B 202 -30.92 12.43 -13.22
N GLU B 203 -29.98 12.13 -12.33
CA GLU B 203 -28.56 12.38 -12.56
C GLU B 203 -27.77 11.07 -12.51
N ARG B 204 -26.44 11.18 -12.57
CA ARG B 204 -25.58 10.01 -12.50
C ARG B 204 -24.39 10.26 -11.58
N MET B 205 -24.05 9.26 -10.79
CA MET B 205 -22.82 9.30 -10.01
C MET B 205 -21.77 8.47 -10.74
N ILE B 206 -20.57 9.06 -10.86
CA ILE B 206 -19.42 8.50 -11.56
C ILE B 206 -18.29 8.27 -10.55
N VAL B 207 -17.71 7.07 -10.50
CA VAL B 207 -16.47 6.84 -9.75
C VAL B 207 -15.36 6.40 -10.73
N HIS B 208 -14.16 6.99 -10.62
CA HIS B 208 -13.00 6.54 -11.39
C HIS B 208 -11.92 5.95 -10.47
N ALA B 209 -11.39 4.80 -10.87
CA ALA B 209 -10.31 4.18 -10.14
C ALA B 209 -9.21 3.90 -11.13
N MET B 210 -7.94 3.94 -10.69
CA MET B 210 -6.83 3.70 -11.58
C MET B 210 -6.17 2.34 -11.27
N LEU B 211 -5.77 1.66 -12.35
CA LEU B 211 -5.17 0.33 -12.27
C LEU B 211 -3.80 0.35 -11.63
N THR B 212 -3.63 -0.49 -10.61
CA THR B 212 -2.36 -0.62 -9.93
C THR B 212 -1.78 -2.02 -10.05
N GLU B 213 -2.61 -3.03 -10.33
CA GLU B 213 -2.06 -4.38 -10.53
C GLU B 213 -2.85 -5.09 -11.60
N HIS B 214 -2.17 -5.91 -12.38
CA HIS B 214 -2.83 -6.80 -13.33
C HIS B 214 -1.92 -7.96 -13.60
N PHE B 215 -2.40 -9.17 -13.35
CA PHE B 215 -1.54 -10.32 -13.49
C PHE B 215 -2.35 -11.60 -13.77
N PRO B 216 -1.71 -12.60 -14.43
CA PRO B 216 -2.49 -13.77 -14.86
C PRO B 216 -2.71 -14.74 -13.70
N LYS B 217 -3.81 -15.47 -13.74
CA LYS B 217 -4.02 -16.56 -12.81
C LYS B 217 -3.05 -17.71 -13.09
N ASN B 218 -2.92 -18.61 -12.11
CA ASN B 218 -2.15 -19.87 -12.14
C ASN B 218 -1.66 -20.20 -10.73
N GLY B 219 -2.39 -21.09 -10.06
CA GLY B 219 -2.17 -21.39 -8.65
C GLY B 219 -2.85 -20.34 -7.80
N ASP B 220 -2.91 -20.58 -6.49
CA ASP B 220 -3.48 -19.58 -5.58
C ASP B 220 -2.61 -18.33 -5.57
N ASN B 221 -3.08 -17.29 -6.24
CA ASN B 221 -2.35 -16.04 -6.29
C ASN B 221 -3.30 -14.83 -6.19
N LYS B 222 -4.39 -14.97 -5.43
CA LYS B 222 -5.33 -13.87 -5.21
C LYS B 222 -4.59 -12.63 -4.72
N PRO B 223 -4.97 -11.43 -5.20
CA PRO B 223 -4.27 -10.22 -4.73
C PRO B 223 -4.47 -9.97 -3.23
N ALA B 224 -3.45 -9.42 -2.58
CA ALA B 224 -3.49 -9.16 -1.14
C ALA B 224 -4.58 -8.15 -0.81
N ALA B 225 -4.91 -7.32 -1.80
CA ALA B 225 -5.93 -6.28 -1.67
C ALA B 225 -7.27 -6.84 -1.20
N LEU B 226 -7.55 -8.09 -1.56
CA LEU B 226 -8.79 -8.74 -1.12
C LEU B 226 -8.91 -8.85 0.41
N GLU B 227 -7.78 -8.79 1.12
CA GLU B 227 -7.80 -8.91 2.59
C GLU B 227 -7.98 -7.57 3.31
N GLU B 228 -8.07 -6.48 2.55
CA GLU B 228 -8.18 -5.14 3.13
C GLU B 228 -9.56 -4.88 3.70
N GLY B 229 -9.77 -3.66 4.19
CA GLY B 229 -11.06 -3.27 4.72
C GLY B 229 -11.30 -3.67 6.16
#